data_9KPR
#
_entry.id   9KPR
#
_cell.length_a   113.109
_cell.length_b   113.109
_cell.length_c   210.058
_cell.angle_alpha   90.00
_cell.angle_beta   90.00
_cell.angle_gamma   90.00
#
_symmetry.space_group_name_H-M   'P 41 21 2'
#
loop_
_entity.id
_entity.type
_entity.pdbx_description
1 polymer 'Transcriptional regulator, LacI family'
2 non-polymer D-Allulose
3 water water
#
_entity_poly.entity_id   1
_entity_poly.type   'polypeptide(L)'
_entity_poly.pdbx_seq_one_letter_code
;MTGISSKKATIYDLSILSGASASTVSAVLNGSWRKRRISEETADKILSLAKAQRYTTNLQARGLRSSKSGLVGLLVPVYD
NRFFSSMAQTFEGQARKRGLSPMVVSGRRDPEEERRTVETLIAYSIDALFIAGVTDPDGVHQVCARAALPHVNIDLPGKF
ASSVISNNRHGAEILTAAILAHAAKGGSLGPDDVILFGGHDDHASRERIDGFHAAKADYFGVEGGDDIEITGYSPHMTEM
AFERFFGRRGRLPRCFFVNSSINFEGLLRFMGRHDGEAFGDIVVGCFDYDPFASFLPFPVYMIKPDIAQMLEKGFELLEE
NRTEPEVTIIEPQLIPPRTALEGPLDDIWDPVALRRMAK
;
_entity_poly.pdbx_strand_id   A,B
#
# COMPACT_ATOMS: atom_id res chain seq x y z
N GLY A 70 -17.19 -21.01 -6.46
CA GLY A 70 -16.18 -20.41 -7.32
C GLY A 70 -15.15 -19.57 -6.58
N LEU A 71 -14.63 -20.12 -5.49
CA LEU A 71 -13.63 -19.45 -4.68
C LEU A 71 -12.23 -19.55 -5.32
N VAL A 72 -11.62 -18.39 -5.61
CA VAL A 72 -10.30 -18.33 -6.21
C VAL A 72 -9.37 -17.54 -5.29
N GLY A 73 -8.15 -18.04 -5.11
CA GLY A 73 -7.21 -17.49 -4.15
C GLY A 73 -6.00 -16.85 -4.85
N LEU A 74 -5.52 -15.76 -4.25
CA LEU A 74 -4.27 -15.13 -4.64
C LEU A 74 -3.29 -15.25 -3.48
N LEU A 75 -2.15 -15.86 -3.74
CA LEU A 75 -1.09 -16.04 -2.74
C LEU A 75 -0.01 -15.00 -2.99
N VAL A 76 0.20 -14.12 -2.01
CA VAL A 76 1.15 -13.02 -2.14
C VAL A 76 2.18 -13.13 -1.04
N PRO A 77 3.39 -12.57 -1.21
CA PRO A 77 4.37 -12.60 -0.10
C PRO A 77 3.92 -11.78 1.11
N VAL A 78 3.44 -10.56 0.89
CA VAL A 78 2.96 -9.69 1.96
C VAL A 78 1.77 -8.88 1.45
N TYR A 79 0.92 -8.44 2.38
CA TYR A 79 -0.15 -7.51 2.05
C TYR A 79 0.35 -6.07 1.94
N ASP A 80 1.37 -5.71 2.73
CA ASP A 80 1.86 -4.33 2.88
C ASP A 80 2.55 -3.78 1.63
N ASN A 81 2.99 -4.64 0.71
CA ASN A 81 3.72 -4.20 -0.47
C ASN A 81 2.82 -3.41 -1.42
N ARG A 82 3.36 -2.31 -1.97
CA ARG A 82 2.55 -1.45 -2.83
C ARG A 82 2.19 -2.15 -4.14
N PHE A 83 3.09 -2.96 -4.67
CA PHE A 83 2.83 -3.67 -5.92
C PHE A 83 1.84 -4.81 -5.70
N PHE A 84 2.06 -5.61 -4.66
CA PHE A 84 1.18 -6.73 -4.36
C PHE A 84 -0.19 -6.27 -3.88
N SER A 85 -0.25 -5.15 -3.15
CA SER A 85 -1.54 -4.62 -2.74
C SER A 85 -2.33 -4.15 -3.96
N SER A 86 -1.65 -3.57 -4.95
CA SER A 86 -2.33 -3.20 -6.18
C SER A 86 -2.76 -4.43 -6.97
N MET A 87 -1.93 -5.49 -6.95
CA MET A 87 -2.31 -6.74 -7.60
C MET A 87 -3.55 -7.35 -6.96
N ALA A 88 -3.64 -7.33 -5.63
CA ALA A 88 -4.81 -7.88 -4.95
C ALA A 88 -6.08 -7.11 -5.33
N GLN A 89 -5.99 -5.78 -5.43
CA GLN A 89 -7.16 -5.00 -5.83
C GLN A 89 -7.57 -5.35 -7.25
N THR A 90 -6.58 -5.42 -8.16
CA THR A 90 -6.88 -5.81 -9.54
C THR A 90 -7.43 -7.22 -9.62
N PHE A 91 -6.85 -8.15 -8.85
CA PHE A 91 -7.31 -9.53 -8.86
C PHE A 91 -8.73 -9.65 -8.36
N GLU A 92 -9.09 -8.93 -7.28
CA GLU A 92 -10.44 -9.05 -6.75
C GLU A 92 -11.47 -8.58 -7.76
N GLY A 93 -11.22 -7.44 -8.42
CA GLY A 93 -12.15 -6.95 -9.41
C GLY A 93 -12.31 -7.89 -10.60
N GLN A 94 -11.19 -8.42 -11.08
CA GLN A 94 -11.25 -9.37 -12.18
C GLN A 94 -12.02 -10.62 -11.79
N ALA A 95 -11.74 -11.14 -10.58
CA ALA A 95 -12.47 -12.30 -10.09
C ALA A 95 -13.95 -11.99 -9.94
N ARG A 96 -14.28 -10.79 -9.46
CA ARG A 96 -15.68 -10.38 -9.32
C ARG A 96 -16.40 -10.42 -10.65
N LYS A 97 -15.77 -9.89 -11.71
CA LYS A 97 -16.38 -9.92 -13.05
C LYS A 97 -16.53 -11.35 -13.57
N ARG A 98 -15.59 -12.23 -13.24
CA ARG A 98 -15.77 -13.64 -13.59
C ARG A 98 -16.87 -14.30 -12.79
N GLY A 99 -17.44 -13.61 -11.80
CA GLY A 99 -18.37 -14.25 -10.89
C GLY A 99 -17.73 -15.14 -9.86
N LEU A 100 -16.40 -15.08 -9.73
CA LEU A 100 -15.69 -15.83 -8.72
C LEU A 100 -15.64 -15.07 -7.40
N SER A 101 -15.33 -15.79 -6.34
CA SER A 101 -15.16 -15.18 -5.02
C SER A 101 -13.69 -15.07 -4.71
N PRO A 102 -13.15 -13.85 -4.54
CA PRO A 102 -11.70 -13.69 -4.40
C PRO A 102 -11.23 -13.66 -2.95
N MET A 103 -10.16 -14.40 -2.68
CA MET A 103 -9.54 -14.38 -1.37
C MET A 103 -8.05 -14.24 -1.55
N VAL A 104 -7.41 -13.53 -0.62
CA VAL A 104 -5.99 -13.30 -0.68
C VAL A 104 -5.36 -13.87 0.59
N VAL A 105 -4.25 -14.56 0.42
CA VAL A 105 -3.52 -15.15 1.53
C VAL A 105 -2.06 -14.77 1.34
N SER A 106 -1.32 -14.81 2.45
CA SER A 106 0.07 -14.40 2.47
C SER A 106 0.96 -15.61 2.73
N GLY A 107 2.02 -15.72 1.94
CA GLY A 107 3.00 -16.78 2.13
C GLY A 107 4.20 -16.37 2.97
N ARG A 108 4.34 -15.08 3.25
CA ARG A 108 5.37 -14.54 4.14
C ARG A 108 6.78 -14.88 3.65
N ARG A 109 6.94 -15.11 2.34
CA ARG A 109 8.23 -15.42 1.73
C ARG A 109 8.96 -16.58 2.40
N ASP A 110 8.20 -17.46 3.05
CA ASP A 110 8.74 -18.65 3.70
C ASP A 110 8.23 -19.89 2.98
N PRO A 111 9.09 -20.76 2.45
CA PRO A 111 8.58 -21.91 1.68
C PRO A 111 7.66 -22.81 2.50
N GLU A 112 7.99 -23.05 3.77
CA GLU A 112 7.11 -23.84 4.62
C GLU A 112 5.79 -23.13 4.84
N GLU A 113 5.82 -21.81 5.07
CA GLU A 113 4.58 -21.06 5.24
C GLU A 113 3.75 -21.10 3.97
N GLU A 114 4.40 -20.97 2.81
CA GLU A 114 3.68 -21.01 1.54
C GLU A 114 3.01 -22.37 1.35
N ARG A 115 3.71 -23.45 1.68
CA ARG A 115 3.12 -24.78 1.55
C ARG A 115 1.95 -24.96 2.52
N ARG A 116 2.13 -24.57 3.79
CA ARG A 116 1.04 -24.70 4.76
C ARG A 116 -0.16 -23.86 4.36
N THR A 117 0.07 -22.66 3.83
CA THR A 117 -1.03 -21.79 3.44
C THR A 117 -1.82 -22.39 2.28
N VAL A 118 -1.12 -22.97 1.29
CA VAL A 118 -1.82 -23.59 0.17
C VAL A 118 -2.58 -24.83 0.64
N GLU A 119 -1.95 -25.65 1.48
CA GLU A 119 -2.64 -26.82 2.03
C GLU A 119 -3.92 -26.43 2.76
N THR A 120 -3.87 -25.33 3.50
CA THR A 120 -5.09 -24.83 4.15
C THR A 120 -6.13 -24.42 3.11
N LEU A 121 -5.71 -23.72 2.06
CA LEU A 121 -6.63 -23.35 0.99
C LEU A 121 -7.23 -24.57 0.33
N ILE A 122 -6.40 -25.61 0.12
CA ILE A 122 -6.91 -26.85 -0.44
C ILE A 122 -7.89 -27.51 0.51
N ALA A 123 -7.56 -27.52 1.81
CA ALA A 123 -8.47 -28.09 2.80
C ALA A 123 -9.82 -27.38 2.78
N TYR A 124 -9.81 -26.06 2.54
CA TYR A 124 -11.04 -25.29 2.48
C TYR A 124 -11.66 -25.26 1.08
N SER A 125 -11.13 -26.08 0.16
CA SER A 125 -11.74 -26.34 -1.15
C SER A 125 -11.79 -25.09 -2.03
N ILE A 126 -10.67 -24.38 -2.14
CA ILE A 126 -10.55 -23.30 -3.10
C ILE A 126 -10.47 -23.88 -4.51
N ASP A 127 -11.06 -23.17 -5.48
CA ASP A 127 -11.14 -23.71 -6.84
C ASP A 127 -9.88 -23.47 -7.66
N ALA A 128 -9.25 -22.30 -7.49
CA ALA A 128 -8.06 -21.97 -8.27
C ALA A 128 -7.16 -21.06 -7.46
N LEU A 129 -5.87 -21.09 -7.77
CA LEU A 129 -4.88 -20.33 -7.04
C LEU A 129 -3.96 -19.58 -8.00
N PHE A 130 -3.71 -18.32 -7.69
CA PHE A 130 -2.70 -17.52 -8.37
C PHE A 130 -1.50 -17.48 -7.45
N ILE A 131 -0.34 -17.87 -7.96
CA ILE A 131 0.86 -17.98 -7.14
C ILE A 131 1.76 -16.80 -7.51
N ALA A 132 1.79 -15.78 -6.65
CA ALA A 132 2.45 -14.51 -6.93
C ALA A 132 3.62 -14.31 -5.97
N GLY A 133 4.82 -14.23 -6.52
CA GLY A 133 6.00 -13.88 -5.73
C GLY A 133 6.41 -14.88 -4.67
N VAL A 134 6.14 -16.16 -4.85
CA VAL A 134 6.54 -17.17 -3.88
C VAL A 134 8.03 -17.43 -4.01
N THR A 135 8.68 -17.67 -2.88
CA THR A 135 10.11 -18.00 -2.90
C THR A 135 10.36 -19.38 -3.47
N ASP A 136 9.43 -20.32 -3.30
CA ASP A 136 9.57 -21.71 -3.77
C ASP A 136 8.37 -22.08 -4.64
N PRO A 137 8.45 -21.83 -5.95
CA PRO A 137 7.32 -22.22 -6.82
C PRO A 137 7.11 -23.72 -6.91
N ASP A 138 8.18 -24.51 -6.83
CA ASP A 138 8.05 -25.96 -7.02
C ASP A 138 7.31 -26.62 -5.88
N GLY A 139 7.65 -26.27 -4.64
CA GLY A 139 6.97 -26.86 -3.49
C GLY A 139 5.48 -26.55 -3.49
N VAL A 140 5.13 -25.32 -3.86
CA VAL A 140 3.71 -24.95 -3.99
C VAL A 140 3.06 -25.73 -5.12
N HIS A 141 3.77 -25.92 -6.23
CA HIS A 141 3.19 -26.64 -7.36
C HIS A 141 2.89 -28.09 -6.99
N GLN A 142 3.81 -28.75 -6.28
CA GLN A 142 3.57 -30.13 -5.88
C GLN A 142 2.32 -30.25 -5.02
N VAL A 143 2.14 -29.32 -4.08
CA VAL A 143 0.94 -29.35 -3.24
C VAL A 143 -0.30 -29.17 -4.10
N CYS A 144 -0.29 -28.19 -5.01
CA CYS A 144 -1.42 -28.00 -5.89
C CYS A 144 -1.63 -29.18 -6.81
N ALA A 145 -0.53 -29.80 -7.26
CA ALA A 145 -0.66 -30.94 -8.17
C ALA A 145 -1.26 -32.15 -7.46
N ARG A 146 -0.80 -32.42 -6.22
CA ARG A 146 -1.37 -33.51 -5.44
C ARG A 146 -2.87 -33.32 -5.24
N ALA A 147 -3.29 -32.10 -4.92
CA ALA A 147 -4.70 -31.80 -4.77
C ALA A 147 -5.43 -31.61 -6.08
N ALA A 148 -4.73 -31.71 -7.23
CA ALA A 148 -5.31 -31.41 -8.54
C ALA A 148 -6.02 -30.06 -8.55
N LEU A 149 -5.31 -29.03 -8.06
CA LEU A 149 -5.83 -27.67 -7.99
C LEU A 149 -5.20 -26.80 -9.07
N PRO A 150 -5.98 -26.16 -9.94
CA PRO A 150 -5.40 -25.32 -11.00
C PRO A 150 -4.67 -24.12 -10.42
N HIS A 151 -3.47 -23.87 -10.91
CA HIS A 151 -2.65 -22.78 -10.44
C HIS A 151 -1.83 -22.20 -11.59
N VAL A 152 -1.64 -20.87 -11.55
CA VAL A 152 -0.77 -20.17 -12.50
C VAL A 152 0.21 -19.32 -11.70
N ASN A 153 1.47 -19.32 -12.11
CA ASN A 153 2.45 -18.42 -11.50
C ASN A 153 2.28 -17.00 -12.01
N ILE A 154 2.35 -16.04 -11.10
CA ILE A 154 2.26 -14.63 -11.42
C ILE A 154 3.53 -13.94 -10.92
N ASP A 155 4.10 -13.09 -11.78
CA ASP A 155 5.23 -12.21 -11.46
C ASP A 155 6.56 -12.95 -11.39
N LEU A 156 6.63 -14.06 -10.66
CA LEU A 156 7.85 -14.86 -10.61
C LEU A 156 7.64 -16.18 -11.34
N PRO A 157 8.55 -16.57 -12.22
CA PRO A 157 8.32 -17.76 -13.05
C PRO A 157 8.48 -19.07 -12.28
N GLY A 158 7.77 -20.08 -12.76
CA GLY A 158 7.97 -21.45 -12.29
C GLY A 158 8.12 -22.37 -13.47
N LYS A 159 8.91 -23.43 -13.27
CA LYS A 159 9.15 -24.39 -14.36
C LYS A 159 7.95 -25.31 -14.61
N PHE A 160 7.27 -25.73 -13.54
CA PHE A 160 6.24 -26.77 -13.69
C PHE A 160 4.92 -26.20 -14.19
N ALA A 161 4.54 -25.01 -13.76
CA ALA A 161 3.26 -24.44 -14.17
C ALA A 161 3.49 -23.17 -14.98
N SER A 162 2.47 -22.79 -15.74
CA SER A 162 2.56 -21.63 -16.60
C SER A 162 2.68 -20.36 -15.75
N SER A 163 3.48 -19.41 -16.23
CA SER A 163 3.79 -18.19 -15.51
C SER A 163 3.49 -16.97 -16.37
N VAL A 164 2.87 -15.96 -15.76
CA VAL A 164 2.72 -14.63 -16.37
C VAL A 164 3.57 -13.66 -15.58
N ILE A 165 4.56 -13.05 -16.25
CA ILE A 165 5.52 -12.19 -15.59
C ILE A 165 5.67 -10.91 -16.41
N SER A 166 6.10 -9.84 -15.72
CA SER A 166 6.41 -8.62 -16.43
C SER A 166 7.79 -8.74 -17.09
N ASN A 167 8.02 -7.89 -18.11
CA ASN A 167 9.32 -7.82 -18.79
C ASN A 167 10.28 -6.98 -17.94
N ASN A 168 10.89 -7.64 -16.95
CA ASN A 168 11.75 -6.93 -16.02
C ASN A 168 12.97 -6.33 -16.71
N ARG A 169 13.59 -7.08 -17.63
CA ARG A 169 14.81 -6.57 -18.27
C ARG A 169 14.51 -5.32 -19.08
N HIS A 170 13.45 -5.36 -19.89
CA HIS A 170 13.10 -4.20 -20.70
C HIS A 170 12.67 -3.02 -19.82
N GLY A 171 11.88 -3.31 -18.78
CA GLY A 171 11.47 -2.25 -17.88
C GLY A 171 12.64 -1.57 -17.21
N ALA A 172 13.63 -2.36 -16.77
CA ALA A 172 14.83 -1.78 -16.17
C ALA A 172 15.64 -0.97 -17.19
N GLU A 173 15.66 -1.41 -18.44
CA GLU A 173 16.43 -0.68 -19.44
C GLU A 173 15.85 0.70 -19.71
N ILE A 174 14.53 0.78 -19.93
CA ILE A 174 13.95 2.10 -20.18
C ILE A 174 13.99 2.94 -18.92
N LEU A 175 13.87 2.32 -17.74
CA LEU A 175 13.97 3.06 -16.49
C LEU A 175 15.36 3.65 -16.31
N THR A 176 16.39 2.84 -16.51
CA THR A 176 17.75 3.34 -16.38
C THR A 176 18.06 4.43 -17.41
N ALA A 177 17.61 4.24 -18.65
CA ALA A 177 17.82 5.26 -19.66
C ALA A 177 17.12 6.56 -19.25
N ALA A 178 15.95 6.44 -18.62
CA ALA A 178 15.19 7.63 -18.25
C ALA A 178 15.87 8.39 -17.10
N ILE A 179 16.30 7.68 -16.05
CA ILE A 179 16.96 8.37 -14.95
C ILE A 179 18.34 8.86 -15.37
N LEU A 180 19.00 8.16 -16.30
CA LEU A 180 20.28 8.66 -16.82
C LEU A 180 20.08 10.00 -17.55
N ALA A 181 19.07 10.07 -18.42
CA ALA A 181 18.81 11.29 -19.15
C ALA A 181 18.46 12.45 -18.22
N HIS A 182 17.69 12.17 -17.16
CA HIS A 182 17.34 13.22 -16.20
C HIS A 182 18.56 13.68 -15.39
N ALA A 183 19.36 12.72 -14.90
CA ALA A 183 20.52 13.10 -14.11
C ALA A 183 21.52 13.88 -14.97
N ALA A 184 21.65 13.50 -16.25
CA ALA A 184 22.61 14.17 -17.11
C ALA A 184 22.28 15.64 -17.28
N LYS A 185 21.00 16.01 -17.21
CA LYS A 185 20.64 17.42 -17.30
C LYS A 185 21.21 18.22 -16.15
N GLY A 186 21.50 17.56 -15.03
CA GLY A 186 22.12 18.19 -13.88
C GLY A 186 23.63 18.30 -13.96
N GLY A 187 24.25 17.52 -14.84
CA GLY A 187 25.69 17.52 -15.01
C GLY A 187 26.07 16.20 -15.63
N SER A 188 27.13 16.18 -16.43
CA SER A 188 27.61 14.94 -17.02
C SER A 188 27.86 13.90 -15.93
N LEU A 189 27.61 12.63 -16.26
CA LEU A 189 27.74 11.54 -15.32
C LEU A 189 28.93 10.67 -15.68
N GLY A 190 29.39 9.91 -14.70
CA GLY A 190 30.32 8.83 -14.93
C GLY A 190 29.71 7.52 -14.47
N PRO A 191 30.25 6.40 -14.95
CA PRO A 191 29.66 5.10 -14.59
C PRO A 191 29.58 4.87 -13.08
N ASP A 192 30.55 5.40 -12.32
CA ASP A 192 30.56 5.29 -10.87
C ASP A 192 29.41 6.07 -10.22
N ASP A 193 28.80 7.00 -10.96
CA ASP A 193 27.65 7.76 -10.47
C ASP A 193 26.33 6.99 -10.53
N VAL A 194 26.25 5.92 -11.30
CA VAL A 194 25.00 5.20 -11.54
C VAL A 194 25.05 3.86 -10.81
N ILE A 195 24.21 3.71 -9.78
CA ILE A 195 24.26 2.58 -8.88
C ILE A 195 22.89 1.93 -8.84
N LEU A 196 22.87 0.62 -8.64
CA LEU A 196 21.65 -0.14 -8.45
C LEU A 196 21.68 -0.73 -7.06
N PHE A 197 20.57 -0.62 -6.34
CA PHE A 197 20.38 -1.27 -5.05
C PHE A 197 19.39 -2.40 -5.25
N GLY A 198 19.83 -3.63 -5.03
CA GLY A 198 19.03 -4.78 -5.39
C GLY A 198 19.79 -6.06 -5.15
N GLY A 199 19.39 -7.13 -5.85
CA GLY A 199 19.92 -8.44 -5.50
C GLY A 199 19.72 -9.46 -6.60
N HIS A 200 20.30 -10.64 -6.36
CA HIS A 200 20.30 -11.74 -7.31
C HIS A 200 19.37 -12.89 -6.93
N ASP A 201 18.58 -12.72 -5.87
CA ASP A 201 17.75 -13.79 -5.32
C ASP A 201 16.55 -14.18 -6.18
N ASP A 202 16.09 -13.31 -7.07
CA ASP A 202 14.87 -13.52 -7.84
C ASP A 202 15.20 -13.41 -9.32
N HIS A 203 14.43 -14.12 -10.15
CA HIS A 203 14.59 -13.95 -11.58
C HIS A 203 14.30 -12.53 -12.00
N ALA A 204 13.30 -11.91 -11.37
CA ALA A 204 12.99 -10.51 -11.66
C ALA A 204 14.15 -9.59 -11.28
N SER A 205 14.73 -9.80 -10.10
CA SER A 205 15.84 -8.96 -9.66
C SER A 205 17.05 -9.08 -10.58
N ARG A 206 17.43 -10.32 -10.94
CA ARG A 206 18.53 -10.51 -11.86
C ARG A 206 18.23 -9.92 -13.23
N GLU A 207 16.99 -10.09 -13.70
CA GLU A 207 16.60 -9.48 -14.96
C GLU A 207 16.72 -7.96 -14.89
N ARG A 208 16.39 -7.38 -13.73
CA ARG A 208 16.48 -5.93 -13.56
C ARG A 208 17.92 -5.43 -13.63
N ILE A 209 18.85 -6.15 -13.01
CA ILE A 209 20.26 -5.77 -13.11
C ILE A 209 20.73 -5.86 -14.57
N ASP A 210 20.22 -6.84 -15.32
CA ASP A 210 20.63 -6.98 -16.72
C ASP A 210 20.14 -5.81 -17.56
N GLY A 211 18.87 -5.43 -17.40
CA GLY A 211 18.39 -4.25 -18.10
C GLY A 211 19.13 -2.99 -17.65
N PHE A 212 19.41 -2.90 -16.35
CA PHE A 212 20.13 -1.76 -15.82
C PHE A 212 21.54 -1.68 -16.41
N HIS A 213 22.24 -2.81 -16.45
CA HIS A 213 23.58 -2.82 -17.04
C HIS A 213 23.52 -2.55 -18.54
N ALA A 214 22.47 -3.03 -19.21
CA ALA A 214 22.35 -2.80 -20.64
C ALA A 214 22.24 -1.31 -20.95
N ALA A 215 21.39 -0.60 -20.22
CA ALA A 215 21.23 0.83 -20.48
C ALA A 215 22.50 1.60 -20.13
N LYS A 216 23.16 1.23 -19.02
CA LYS A 216 24.42 1.89 -18.69
C LYS A 216 25.48 1.64 -19.75
N ALA A 217 25.59 0.40 -20.24
CA ALA A 217 26.64 0.09 -21.20
C ALA A 217 26.44 0.88 -22.49
N ASP A 218 25.20 0.99 -22.96
CA ASP A 218 24.94 1.79 -24.17
C ASP A 218 25.21 3.26 -23.94
N TYR A 219 24.90 3.76 -22.74
CA TYR A 219 25.04 5.19 -22.47
C TYR A 219 26.51 5.58 -22.36
N PHE A 220 27.26 4.86 -21.54
CA PHE A 220 28.66 5.16 -21.29
C PHE A 220 29.60 4.60 -22.35
N GLY A 221 29.17 3.55 -23.07
CA GLY A 221 30.04 2.86 -24.00
C GLY A 221 31.03 1.91 -23.37
N VAL A 222 30.92 1.68 -22.05
CA VAL A 222 31.80 0.79 -21.32
C VAL A 222 30.95 0.06 -20.30
N GLU A 223 31.50 -1.03 -19.77
CA GLU A 223 30.76 -1.86 -18.84
C GLU A 223 31.75 -2.53 -17.87
N GLY A 224 31.19 -3.21 -16.89
CA GLY A 224 31.98 -3.99 -15.94
C GLY A 224 32.43 -3.27 -14.69
N GLY A 225 31.97 -2.04 -14.47
CA GLY A 225 32.21 -1.36 -13.20
C GLY A 225 31.41 -1.92 -12.04
N ASP A 226 31.81 -1.52 -10.83
CA ASP A 226 31.19 -1.98 -9.58
C ASP A 226 30.00 -1.07 -9.26
N ASP A 227 28.87 -1.33 -9.91
CA ASP A 227 27.70 -0.48 -9.76
C ASP A 227 26.56 -1.12 -8.99
N ILE A 228 26.74 -2.33 -8.45
CA ILE A 228 25.63 -3.05 -7.82
C ILE A 228 25.86 -3.06 -6.32
N GLU A 229 24.94 -2.43 -5.58
CA GLU A 229 24.92 -2.50 -4.13
C GLU A 229 23.96 -3.61 -3.74
N ILE A 230 24.54 -4.75 -3.37
CA ILE A 230 23.72 -5.95 -3.04
C ILE A 230 22.93 -5.64 -1.78
N THR A 231 21.62 -5.51 -1.94
CA THR A 231 20.76 -5.18 -0.80
C THR A 231 19.70 -6.24 -0.75
N GLY A 232 19.23 -6.57 0.45
CA GLY A 232 18.13 -7.50 0.60
C GLY A 232 16.80 -6.81 0.36
N TYR A 233 15.84 -7.54 -0.21
CA TYR A 233 14.52 -6.99 -0.49
C TYR A 233 13.99 -6.18 0.70
N SER A 234 14.45 -6.54 1.89
CA SER A 234 14.06 -5.85 3.12
C SER A 234 14.71 -4.47 3.19
N PRO A 235 13.95 -3.50 3.67
CA PRO A 235 14.44 -2.13 3.78
C PRO A 235 15.64 -1.97 4.70
N HIS A 236 15.77 -2.81 5.72
CA HIS A 236 16.86 -2.57 6.67
C HIS A 236 18.21 -2.79 6.01
N MET A 237 18.36 -3.87 5.24
CA MET A 237 19.61 -4.08 4.52
C MET A 237 19.84 -2.97 3.49
N THR A 238 18.76 -2.52 2.83
CA THR A 238 18.88 -1.38 1.92
C THR A 238 19.28 -0.11 2.65
N GLU A 239 18.68 0.15 3.83
CA GLU A 239 19.05 1.32 4.59
C GLU A 239 20.53 1.29 4.97
N MET A 240 21.01 0.14 5.43
CA MET A 240 22.43 0.04 5.78
C MET A 240 23.30 0.30 4.55
N ALA A 241 22.88 -0.16 3.38
CA ALA A 241 23.63 0.10 2.17
C ALA A 241 23.71 1.60 1.90
N PHE A 242 22.58 2.30 1.98
CA PHE A 242 22.61 3.74 1.78
C PHE A 242 23.48 4.43 2.82
N GLU A 243 23.39 3.99 4.07
CA GLU A 243 24.23 4.54 5.13
C GLU A 243 25.70 4.31 4.83
N ARG A 244 26.04 3.09 4.41
CA ARG A 244 27.42 2.77 4.10
C ARG A 244 27.94 3.57 2.91
N PHE A 245 27.15 3.62 1.82
CA PHE A 245 27.53 4.40 0.65
C PHE A 245 27.69 5.88 0.99
N PHE A 246 26.73 6.44 1.73
CA PHE A 246 26.81 7.84 2.12
C PHE A 246 28.01 8.08 3.02
N GLY A 247 28.47 7.04 3.72
CA GLY A 247 29.61 7.21 4.61
C GLY A 247 30.93 7.43 3.89
N ARG A 248 31.23 6.60 2.87
CA ARG A 248 32.48 6.81 2.15
C ARG A 248 32.37 7.97 1.18
N ARG A 249 31.29 8.03 0.39
CA ARG A 249 31.18 9.03 -0.68
C ARG A 249 30.81 10.42 -0.16
N GLY A 250 30.11 10.52 0.97
CA GLY A 250 29.66 11.82 1.45
C GLY A 250 28.37 12.30 0.84
N ARG A 251 27.80 11.53 -0.07
CA ARG A 251 26.59 11.89 -0.78
C ARG A 251 25.92 10.61 -1.25
N LEU A 252 24.68 10.74 -1.68
CA LEU A 252 24.03 9.63 -2.34
C LEU A 252 24.43 9.64 -3.80
N PRO A 253 24.34 8.50 -4.50
CA PRO A 253 24.71 8.52 -5.92
C PRO A 253 23.79 9.46 -6.67
N ARG A 254 24.34 10.10 -7.69
CA ARG A 254 23.57 11.09 -8.45
C ARG A 254 22.40 10.44 -9.18
N CYS A 255 22.60 9.21 -9.64
CA CYS A 255 21.61 8.47 -10.40
C CYS A 255 21.58 7.05 -9.85
N PHE A 256 20.48 6.64 -9.21
CA PHE A 256 20.45 5.27 -8.74
C PHE A 256 19.08 4.63 -8.87
N PHE A 257 19.13 3.31 -8.98
CA PHE A 257 18.01 2.44 -9.27
C PHE A 257 17.74 1.62 -8.02
N VAL A 258 16.50 1.65 -7.53
CA VAL A 258 16.09 0.81 -6.41
C VAL A 258 15.26 -0.33 -6.97
N ASN A 259 15.62 -1.55 -6.59
CA ASN A 259 15.06 -2.74 -7.22
C ASN A 259 13.55 -2.84 -7.03
N SER A 260 13.05 -2.43 -5.87
CA SER A 260 11.65 -2.64 -5.52
C SER A 260 11.13 -1.45 -4.70
N SER A 261 9.81 -1.39 -4.56
CA SER A 261 9.21 -0.40 -3.66
C SER A 261 9.56 -0.67 -2.20
N ILE A 262 9.76 -1.93 -1.82
CA ILE A 262 10.20 -2.23 -0.45
C ILE A 262 11.64 -1.78 -0.23
N ASN A 263 12.51 -1.99 -1.22
CA ASN A 263 13.85 -1.43 -1.13
C ASN A 263 13.78 0.07 -0.93
N PHE A 264 12.87 0.72 -1.67
CA PHE A 264 12.72 2.16 -1.60
C PHE A 264 12.43 2.61 -0.17
N GLU A 265 11.70 1.81 0.60
CA GLU A 265 11.45 2.18 1.98
C GLU A 265 12.76 2.32 2.75
N GLY A 266 13.74 1.47 2.45
CA GLY A 266 15.05 1.59 3.07
C GLY A 266 15.71 2.93 2.84
N LEU A 267 15.56 3.48 1.63
CA LEU A 267 16.09 4.82 1.38
C LEU A 267 15.44 5.85 2.29
N LEU A 268 14.12 5.75 2.50
CA LEU A 268 13.43 6.68 3.37
C LEU A 268 13.86 6.53 4.82
N ARG A 269 14.10 5.29 5.26
CA ARG A 269 14.65 5.07 6.61
C ARG A 269 15.99 5.76 6.75
N PHE A 270 16.83 5.65 5.71
CA PHE A 270 18.11 6.32 5.73
C PHE A 270 17.94 7.83 5.77
N MET A 271 17.07 8.36 4.91
CA MET A 271 16.86 9.80 4.86
C MET A 271 16.35 10.33 6.19
N GLY A 272 15.44 9.59 6.84
CA GLY A 272 14.93 10.02 8.14
C GLY A 272 16.03 10.14 9.18
N ARG A 273 17.03 9.26 9.10
CA ARG A 273 18.17 9.33 10.02
C ARG A 273 19.02 10.56 9.78
N HIS A 274 19.01 11.09 8.56
CA HIS A 274 19.86 12.23 8.23
C HIS A 274 19.02 13.47 7.96
N ASP A 275 18.24 13.89 8.94
CA ASP A 275 17.52 15.15 8.84
C ASP A 275 18.52 16.27 8.72
N GLY A 276 18.18 17.30 7.96
CA GLY A 276 19.13 18.35 7.69
C GLY A 276 20.02 18.10 6.50
N GLU A 277 19.78 17.07 5.71
CA GLU A 277 20.47 16.83 4.46
C GLU A 277 19.51 17.13 3.32
N ALA A 278 19.99 17.87 2.32
CA ALA A 278 19.11 18.34 1.26
C ALA A 278 18.77 17.29 0.22
N PHE A 279 19.69 16.34 -0.02
CA PHE A 279 19.51 15.27 -1.00
C PHE A 279 18.95 15.82 -2.31
N GLY A 280 19.55 16.92 -2.77
CA GLY A 280 19.04 17.62 -3.94
C GLY A 280 19.53 17.11 -5.28
N ASP A 281 20.74 16.53 -5.31
CA ASP A 281 21.40 16.04 -6.52
C ASP A 281 21.01 14.62 -6.96
N ILE A 282 19.97 14.01 -6.42
CA ILE A 282 19.76 12.60 -6.77
C ILE A 282 18.58 12.50 -7.72
N VAL A 283 18.66 11.50 -8.60
CA VAL A 283 17.56 11.05 -9.44
C VAL A 283 17.41 9.55 -9.22
N VAL A 284 16.17 9.11 -8.98
CA VAL A 284 15.90 7.74 -8.56
C VAL A 284 14.93 7.08 -9.52
N GLY A 285 15.22 5.83 -9.85
CA GLY A 285 14.32 4.98 -10.61
C GLY A 285 13.92 3.79 -9.77
N CYS A 286 12.62 3.51 -9.69
CA CYS A 286 12.10 2.40 -8.89
C CYS A 286 11.21 1.48 -9.71
N PHE A 287 11.40 0.17 -9.56
CA PHE A 287 10.40 -0.79 -10.04
C PHE A 287 9.24 -0.81 -9.07
N ASP A 288 8.04 -0.93 -9.62
CA ASP A 288 6.74 -0.78 -8.94
C ASP A 288 6.40 0.69 -8.97
N TYR A 289 5.12 1.00 -8.89
CA TYR A 289 4.65 2.36 -8.98
C TYR A 289 3.85 2.66 -7.73
N ASP A 290 3.99 3.88 -7.24
CA ASP A 290 3.19 4.34 -6.13
C ASP A 290 3.00 5.84 -6.31
N PRO A 291 1.77 6.35 -6.26
CA PRO A 291 1.60 7.79 -6.46
C PRO A 291 2.35 8.63 -5.45
N PHE A 292 2.41 8.20 -4.19
CA PHE A 292 3.14 8.99 -3.20
C PHE A 292 4.63 9.01 -3.49
N ALA A 293 5.21 7.87 -3.86
CA ALA A 293 6.63 7.87 -4.20
C ALA A 293 6.90 8.75 -5.42
N SER A 294 5.95 8.83 -6.35
CA SER A 294 6.16 9.65 -7.53
C SER A 294 6.38 11.12 -7.17
N PHE A 295 5.75 11.60 -6.10
CA PHE A 295 5.81 13.00 -5.73
C PHE A 295 6.86 13.29 -4.66
N LEU A 296 7.79 12.37 -4.44
CA LEU A 296 8.86 12.58 -3.48
C LEU A 296 9.71 13.78 -3.88
N PRO A 297 10.37 14.44 -2.91
CA PRO A 297 11.08 15.71 -3.21
C PRO A 297 12.22 15.59 -4.22
N PHE A 298 12.74 14.41 -4.47
CA PHE A 298 13.65 14.16 -5.60
C PHE A 298 12.89 13.56 -6.78
N PRO A 299 13.34 13.77 -8.03
CA PRO A 299 12.64 13.16 -9.17
C PRO A 299 12.72 11.64 -9.11
N VAL A 300 11.56 11.00 -9.20
CA VAL A 300 11.43 9.56 -9.08
C VAL A 300 10.74 9.01 -10.33
N TYR A 301 11.43 8.13 -11.05
CA TYR A 301 10.87 7.46 -12.21
C TYR A 301 10.49 6.05 -11.80
N MET A 302 9.31 5.62 -12.20
CA MET A 302 8.81 4.33 -11.75
C MET A 302 8.38 3.48 -12.93
N ILE A 303 8.52 2.17 -12.78
CA ILE A 303 8.02 1.21 -13.73
C ILE A 303 6.72 0.64 -13.17
N LYS A 304 5.63 0.77 -13.92
CA LYS A 304 4.37 0.20 -13.49
C LYS A 304 4.11 -1.07 -14.30
N PRO A 305 4.15 -2.24 -13.70
CA PRO A 305 3.82 -3.45 -14.44
C PRO A 305 2.34 -3.48 -14.78
N ASP A 306 2.03 -4.08 -15.93
CA ASP A 306 0.64 -4.24 -16.37
C ASP A 306 0.05 -5.42 -15.59
N ILE A 307 -0.37 -5.11 -14.35
CA ILE A 307 -0.94 -6.14 -13.48
C ILE A 307 -2.24 -6.69 -14.07
N ALA A 308 -3.05 -5.82 -14.67
CA ALA A 308 -4.34 -6.23 -15.22
C ALA A 308 -4.17 -7.25 -16.35
N GLN A 309 -3.25 -6.98 -17.29
CA GLN A 309 -2.99 -7.94 -18.34
C GLN A 309 -2.36 -9.20 -17.77
N MET A 310 -1.47 -9.07 -16.79
CA MET A 310 -0.88 -10.26 -16.18
C MET A 310 -1.95 -11.15 -15.56
N LEU A 311 -2.90 -10.55 -14.86
CA LEU A 311 -3.98 -11.34 -14.25
C LEU A 311 -4.95 -11.85 -15.32
N GLU A 312 -5.24 -11.04 -16.34
CA GLU A 312 -6.11 -11.51 -17.41
C GLU A 312 -5.53 -12.74 -18.09
N LYS A 313 -4.22 -12.73 -18.37
CA LYS A 313 -3.55 -13.92 -18.89
C LYS A 313 -3.44 -15.02 -17.84
N GLY A 314 -3.35 -14.67 -16.55
CA GLY A 314 -3.38 -15.69 -15.52
C GLY A 314 -4.70 -16.42 -15.49
N PHE A 315 -5.80 -15.66 -15.51
CA PHE A 315 -7.09 -16.19 -15.94
C PHE A 315 -6.94 -16.61 -17.40
N GLU A 316 -7.91 -17.37 -17.89
CA GLU A 316 -7.86 -17.91 -19.25
C GLU A 316 -6.73 -18.94 -19.39
N LEU A 317 -5.54 -18.66 -18.86
CA LEU A 317 -4.55 -19.74 -18.74
C LEU A 317 -5.02 -20.84 -17.81
N LEU A 318 -5.79 -20.50 -16.77
CA LEU A 318 -6.35 -21.52 -15.88
C LEU A 318 -7.49 -22.28 -16.57
N GLU A 319 -8.32 -21.60 -17.36
CA GLU A 319 -9.35 -22.29 -18.14
C GLU A 319 -8.73 -23.34 -19.04
N GLU A 320 -7.55 -23.04 -19.58
CA GLU A 320 -6.94 -23.78 -20.67
C GLU A 320 -6.19 -24.96 -20.06
N ASN A 321 -6.28 -26.11 -20.73
CA ASN A 321 -5.82 -27.36 -20.14
C ASN A 321 -4.47 -27.84 -20.65
N ARG A 322 -3.72 -26.99 -21.35
CA ARG A 322 -2.44 -27.43 -21.90
C ARG A 322 -1.52 -27.86 -20.77
N THR A 323 -1.04 -29.11 -20.82
CA THR A 323 -0.12 -29.62 -19.81
C THR A 323 1.22 -28.90 -19.90
N GLU A 324 1.60 -28.51 -21.11
CA GLU A 324 2.86 -27.81 -21.32
C GLU A 324 2.86 -26.46 -20.60
N PRO A 325 3.87 -26.17 -19.78
CA PRO A 325 3.95 -24.85 -19.14
C PRO A 325 4.45 -23.78 -20.11
N GLU A 326 3.79 -22.63 -20.07
CA GLU A 326 4.11 -21.48 -20.91
C GLU A 326 4.39 -20.25 -20.04
N VAL A 327 5.47 -19.54 -20.35
CA VAL A 327 5.80 -18.28 -19.70
C VAL A 327 5.39 -17.14 -20.62
N THR A 328 4.51 -16.27 -20.14
CA THR A 328 4.01 -15.13 -20.89
C THR A 328 4.55 -13.86 -20.28
N ILE A 329 5.16 -13.03 -21.11
CA ILE A 329 5.86 -11.84 -20.66
C ILE A 329 5.04 -10.62 -21.06
N ILE A 330 4.76 -9.76 -20.08
CA ILE A 330 3.93 -8.58 -20.28
C ILE A 330 4.82 -7.34 -20.15
N GLU A 331 4.65 -6.39 -21.07
CA GLU A 331 5.48 -5.19 -21.10
C GLU A 331 5.03 -4.21 -20.01
N PRO A 332 5.95 -3.71 -19.18
CA PRO A 332 5.62 -2.66 -18.22
C PRO A 332 5.70 -1.27 -18.86
N GLN A 333 5.16 -0.29 -18.14
CA GLN A 333 5.12 1.10 -18.59
C GLN A 333 5.96 2.00 -17.68
N LEU A 334 6.77 2.88 -18.28
CA LEU A 334 7.54 3.86 -17.54
C LEU A 334 6.65 5.02 -17.08
N ILE A 335 6.77 5.40 -15.82
CA ILE A 335 5.96 6.48 -15.25
C ILE A 335 6.89 7.63 -14.90
N PRO A 336 6.67 8.83 -15.44
CA PRO A 336 7.54 9.97 -15.13
C PRO A 336 7.28 10.49 -13.73
N PRO A 337 8.15 11.33 -13.20
CA PRO A 337 7.96 11.84 -11.83
C PRO A 337 6.67 12.61 -11.68
N ARG A 338 6.14 12.60 -10.45
CA ARG A 338 4.98 13.40 -10.06
C ARG A 338 3.77 13.07 -10.95
N THR A 339 3.51 11.77 -11.07
CA THR A 339 2.36 11.26 -11.82
C THR A 339 1.47 10.50 -10.86
N ALA A 340 0.23 10.94 -10.72
CA ALA A 340 -0.77 10.24 -9.92
C ALA A 340 -1.80 9.63 -10.86
N LEU A 341 -1.74 8.32 -11.02
CA LEU A 341 -2.55 7.59 -11.99
C LEU A 341 -3.88 7.19 -11.38
N GLU A 342 -4.87 7.03 -12.25
CA GLU A 342 -6.18 6.52 -11.83
C GLU A 342 -6.03 5.06 -11.38
N GLY A 343 -6.59 4.72 -10.22
CA GLY A 343 -6.30 3.42 -9.65
C GLY A 343 -7.35 2.37 -9.96
N PRO A 344 -7.10 1.13 -9.53
CA PRO A 344 -8.02 0.03 -9.83
C PRO A 344 -9.38 0.21 -9.19
N LEU A 345 -9.42 0.84 -8.02
CA LEU A 345 -10.66 1.15 -7.32
C LEU A 345 -11.38 2.30 -8.00
N ASP A 346 -12.42 1.97 -8.78
CA ASP A 346 -13.29 2.93 -9.45
C ASP A 346 -14.64 2.93 -8.73
N ASP A 347 -15.03 4.10 -8.22
CA ASP A 347 -16.31 4.33 -7.56
C ASP A 347 -16.51 3.43 -6.34
N ILE A 348 -15.44 2.77 -5.86
CA ILE A 348 -15.53 1.99 -4.64
C ILE A 348 -15.58 2.94 -3.45
N TRP A 349 -14.90 4.08 -3.56
CA TRP A 349 -14.80 5.07 -2.51
C TRP A 349 -15.82 6.20 -2.67
N ASP A 350 -16.76 6.07 -3.60
CA ASP A 350 -17.87 7.01 -3.68
C ASP A 350 -18.86 6.74 -2.55
N PRO A 351 -19.48 7.79 -1.98
CA PRO A 351 -20.32 7.67 -0.76
C PRO A 351 -21.44 6.63 -0.88
N GLY B 70 -8.26 -23.74 11.30
CA GLY B 70 -8.34 -22.46 12.01
C GLY B 70 -8.37 -21.25 11.10
N LEU B 71 -9.19 -21.28 10.06
CA LEU B 71 -9.26 -20.18 9.10
C LEU B 71 -9.95 -18.97 9.72
N VAL B 72 -9.23 -17.86 9.82
CA VAL B 72 -9.73 -16.61 10.37
C VAL B 72 -9.62 -15.57 9.26
N GLY B 73 -10.68 -14.79 9.08
CA GLY B 73 -10.79 -13.86 7.96
C GLY B 73 -10.79 -12.42 8.40
N LEU B 74 -10.19 -11.57 7.57
CA LEU B 74 -10.27 -10.13 7.73
C LEU B 74 -10.99 -9.56 6.51
N LEU B 75 -12.09 -8.86 6.75
CA LEU B 75 -12.88 -8.23 5.70
C LEU B 75 -12.56 -6.75 5.66
N VAL B 76 -12.01 -6.28 4.54
CA VAL B 76 -11.54 -4.90 4.38
C VAL B 76 -12.31 -4.30 3.21
N PRO B 77 -12.41 -2.98 3.14
CA PRO B 77 -13.09 -2.37 1.99
C PRO B 77 -12.33 -2.59 0.69
N VAL B 78 -11.02 -2.33 0.70
CA VAL B 78 -10.17 -2.54 -0.47
C VAL B 78 -8.82 -3.04 0.01
N TYR B 79 -8.13 -3.76 -0.89
CA TYR B 79 -6.74 -4.14 -0.63
C TYR B 79 -5.77 -2.99 -0.87
N ASP B 80 -6.08 -2.09 -1.82
CA ASP B 80 -5.16 -1.05 -2.27
C ASP B 80 -4.89 0.04 -1.22
N ASN B 81 -5.78 0.21 -0.24
CA ASN B 81 -5.62 1.30 0.73
C ASN B 81 -4.43 1.01 1.65
N ARG B 82 -3.67 2.06 1.95
CA ARG B 82 -2.44 1.91 2.74
C ARG B 82 -2.73 1.54 4.20
N PHE B 83 -3.83 2.04 4.76
CA PHE B 83 -4.18 1.69 6.13
C PHE B 83 -4.65 0.25 6.22
N PHE B 84 -5.54 -0.17 5.31
CA PHE B 84 -6.03 -1.54 5.32
C PHE B 84 -4.96 -2.54 4.91
N SER B 85 -4.07 -2.14 4.00
CA SER B 85 -2.99 -3.07 3.62
C SER B 85 -2.03 -3.31 4.79
N SER B 86 -1.71 -2.27 5.56
CA SER B 86 -0.88 -2.51 6.74
C SER B 86 -1.64 -3.30 7.80
N MET B 87 -2.96 -3.07 7.90
CA MET B 87 -3.78 -3.85 8.82
C MET B 87 -3.76 -5.33 8.47
N ALA B 88 -3.86 -5.64 7.18
CA ALA B 88 -3.81 -7.03 6.77
C ALA B 88 -2.48 -7.66 7.12
N GLN B 89 -1.39 -6.87 7.01
CA GLN B 89 -0.07 -7.37 7.37
C GLN B 89 0.01 -7.66 8.87
N THR B 90 -0.46 -6.72 9.69
CA THR B 90 -0.49 -6.94 11.14
C THR B 90 -1.40 -8.11 11.51
N PHE B 91 -2.56 -8.20 10.85
CA PHE B 91 -3.49 -9.30 11.10
C PHE B 91 -2.86 -10.64 10.76
N GLU B 92 -2.12 -10.71 9.66
CA GLU B 92 -1.49 -11.97 9.27
C GLU B 92 -0.52 -12.45 10.33
N GLY B 93 0.32 -11.55 10.84
CA GLY B 93 1.30 -11.95 11.84
C GLY B 93 0.65 -12.40 13.14
N GLN B 94 -0.29 -11.61 13.64
CA GLN B 94 -0.96 -11.96 14.89
C GLN B 94 -1.69 -13.28 14.78
N ALA B 95 -2.41 -13.48 13.66
CA ALA B 95 -3.12 -14.74 13.45
C ALA B 95 -2.15 -15.92 13.40
N ARG B 96 -1.01 -15.75 12.72
CA ARG B 96 -0.02 -16.81 12.67
C ARG B 96 0.48 -17.16 14.08
N LYS B 97 0.71 -16.13 14.92
CA LYS B 97 1.14 -16.40 16.29
C LYS B 97 0.08 -17.13 17.09
N ARG B 98 -1.21 -16.84 16.82
CA ARG B 98 -2.32 -17.56 17.42
C ARG B 98 -2.44 -18.99 16.92
N GLY B 99 -1.64 -19.38 15.93
CA GLY B 99 -1.79 -20.67 15.28
C GLY B 99 -2.94 -20.74 14.31
N LEU B 100 -3.58 -19.61 14.01
CA LEU B 100 -4.68 -19.52 13.07
C LEU B 100 -4.15 -19.39 11.65
N SER B 101 -5.03 -19.63 10.67
CA SER B 101 -4.70 -19.42 9.27
C SER B 101 -5.37 -18.15 8.77
N PRO B 102 -4.64 -17.13 8.38
CA PRO B 102 -5.26 -15.85 8.03
C PRO B 102 -5.51 -15.69 6.53
N MET B 103 -6.68 -15.17 6.18
CA MET B 103 -7.04 -14.84 4.82
C MET B 103 -7.78 -13.52 4.84
N VAL B 104 -7.66 -12.74 3.75
CA VAL B 104 -8.29 -11.42 3.64
C VAL B 104 -9.25 -11.41 2.46
N VAL B 105 -10.40 -10.74 2.63
CA VAL B 105 -11.42 -10.55 1.61
C VAL B 105 -11.85 -9.09 1.63
N SER B 106 -12.37 -8.61 0.50
CA SER B 106 -12.78 -7.22 0.35
C SER B 106 -14.28 -7.10 0.11
N GLY B 107 -14.88 -6.11 0.76
CA GLY B 107 -16.29 -5.78 0.62
C GLY B 107 -16.60 -4.67 -0.37
N ARG B 108 -15.58 -3.99 -0.88
CA ARG B 108 -15.75 -2.98 -1.92
C ARG B 108 -16.73 -1.88 -1.50
N ARG B 109 -16.84 -1.67 -0.18
CA ARG B 109 -17.69 -0.63 0.39
C ARG B 109 -19.13 -0.72 -0.11
N ASP B 110 -19.56 -1.91 -0.52
CA ASP B 110 -20.93 -2.14 -0.97
C ASP B 110 -21.63 -3.09 0.00
N PRO B 111 -22.73 -2.68 0.62
CA PRO B 111 -23.36 -3.54 1.64
C PRO B 111 -23.79 -4.90 1.13
N GLU B 112 -24.36 -4.96 -0.08
CA GLU B 112 -24.76 -6.27 -0.61
C GLU B 112 -23.55 -7.15 -0.83
N GLU B 113 -22.47 -6.61 -1.42
CA GLU B 113 -21.30 -7.45 -1.62
C GLU B 113 -20.65 -7.83 -0.29
N GLU B 114 -20.67 -6.91 0.71
CA GLU B 114 -20.12 -7.29 2.01
C GLU B 114 -20.86 -8.47 2.60
N ARG B 115 -22.20 -8.43 2.56
CA ARG B 115 -23.00 -9.53 3.11
C ARG B 115 -22.80 -10.80 2.28
N ARG B 116 -22.88 -10.66 0.95
CA ARG B 116 -22.68 -11.83 0.10
C ARG B 116 -21.31 -12.45 0.31
N THR B 117 -20.30 -11.62 0.57
CA THR B 117 -18.95 -12.13 0.77
C THR B 117 -18.86 -12.96 2.04
N VAL B 118 -19.43 -12.47 3.14
CA VAL B 118 -19.41 -13.24 4.38
C VAL B 118 -20.25 -14.50 4.25
N GLU B 119 -21.41 -14.39 3.60
CA GLU B 119 -22.24 -15.58 3.39
C GLU B 119 -21.46 -16.68 2.70
N THR B 120 -20.65 -16.32 1.70
CA THR B 120 -19.80 -17.33 1.05
C THR B 120 -18.76 -17.87 2.02
N LEU B 121 -18.12 -17.00 2.81
CA LEU B 121 -17.15 -17.48 3.79
C LEU B 121 -17.81 -18.43 4.77
N ILE B 122 -19.04 -18.12 5.17
CA ILE B 122 -19.76 -19.02 6.07
C ILE B 122 -19.99 -20.36 5.39
N ALA B 123 -20.41 -20.34 4.12
CA ALA B 123 -20.64 -21.59 3.38
C ALA B 123 -19.38 -22.45 3.35
N TYR B 124 -18.21 -21.82 3.29
CA TYR B 124 -16.93 -22.53 3.30
C TYR B 124 -16.43 -22.76 4.72
N SER B 125 -17.24 -22.43 5.74
CA SER B 125 -16.95 -22.75 7.16
C SER B 125 -15.71 -22.03 7.68
N ILE B 126 -15.67 -20.72 7.50
CA ILE B 126 -14.64 -19.90 8.13
C ILE B 126 -14.88 -19.85 9.63
N ASP B 127 -13.80 -19.85 10.42
CA ASP B 127 -13.91 -19.95 11.88
C ASP B 127 -14.15 -18.62 12.58
N ALA B 128 -13.53 -17.53 12.13
CA ALA B 128 -13.73 -16.23 12.79
C ALA B 128 -13.51 -15.11 11.78
N LEU B 129 -14.17 -13.97 12.01
CA LEU B 129 -14.15 -12.88 11.05
C LEU B 129 -13.88 -11.54 11.71
N PHE B 130 -12.97 -10.76 11.12
CA PHE B 130 -12.72 -9.38 11.51
C PHE B 130 -13.40 -8.47 10.51
N ILE B 131 -14.25 -7.58 11.00
CA ILE B 131 -15.08 -6.72 10.15
C ILE B 131 -14.49 -5.31 10.23
N ALA B 132 -13.75 -4.91 9.19
CA ALA B 132 -12.97 -3.67 9.21
C ALA B 132 -13.48 -2.69 8.16
N GLY B 133 -13.96 -1.53 8.63
CA GLY B 133 -14.37 -0.45 7.74
C GLY B 133 -15.53 -0.75 6.81
N VAL B 134 -16.43 -1.65 7.19
CA VAL B 134 -17.56 -2.00 6.33
C VAL B 134 -18.60 -0.90 6.38
N THR B 135 -19.28 -0.73 5.25
CA THR B 135 -20.36 0.25 5.15
C THR B 135 -21.60 -0.18 5.93
N ASP B 136 -21.85 -1.48 6.08
CA ASP B 136 -23.01 -1.99 6.82
C ASP B 136 -22.53 -2.95 7.91
N PRO B 137 -22.13 -2.42 9.08
CA PRO B 137 -21.63 -3.32 10.13
C PRO B 137 -22.72 -4.18 10.72
N ASP B 138 -23.94 -3.65 10.81
CA ASP B 138 -25.04 -4.39 11.42
C ASP B 138 -25.50 -5.51 10.49
N GLY B 139 -25.66 -5.21 9.20
CA GLY B 139 -26.03 -6.25 8.25
C GLY B 139 -25.00 -7.36 8.18
N VAL B 140 -23.72 -7.00 8.24
CA VAL B 140 -22.68 -8.02 8.33
C VAL B 140 -22.82 -8.79 9.64
N HIS B 141 -23.22 -8.10 10.71
CA HIS B 141 -23.40 -8.78 11.99
C HIS B 141 -24.53 -9.80 11.93
N GLN B 142 -25.67 -9.44 11.32
CA GLN B 142 -26.77 -10.38 11.21
C GLN B 142 -26.35 -11.62 10.44
N VAL B 143 -25.56 -11.42 9.37
CA VAL B 143 -25.07 -12.56 8.59
C VAL B 143 -24.20 -13.46 9.47
N CYS B 144 -23.27 -12.85 10.22
CA CYS B 144 -22.41 -13.63 11.11
C CYS B 144 -23.20 -14.29 12.23
N ALA B 145 -24.21 -13.58 12.75
CA ALA B 145 -24.95 -14.09 13.88
C ALA B 145 -25.73 -15.36 13.53
N ARG B 146 -26.34 -15.40 12.33
CA ARG B 146 -27.06 -16.61 11.90
C ARG B 146 -26.16 -17.83 11.90
N ALA B 147 -24.93 -17.69 11.42
CA ALA B 147 -24.01 -18.80 11.41
C ALA B 147 -23.32 -19.01 12.74
N ALA B 148 -23.63 -18.20 13.75
CA ALA B 148 -22.91 -18.20 15.03
C ALA B 148 -21.40 -18.12 14.78
N LEU B 149 -21.01 -17.13 13.96
CA LEU B 149 -19.63 -16.96 13.58
C LEU B 149 -19.01 -15.84 14.39
N PRO B 150 -17.95 -16.10 15.15
CA PRO B 150 -17.36 -15.05 15.99
C PRO B 150 -16.82 -13.91 15.13
N HIS B 151 -17.21 -12.70 15.48
CA HIS B 151 -16.80 -11.54 14.70
C HIS B 151 -16.64 -10.34 15.62
N VAL B 152 -15.66 -9.50 15.30
CA VAL B 152 -15.47 -8.23 15.98
C VAL B 152 -15.31 -7.14 14.93
N ASN B 153 -15.95 -6.00 15.14
CA ASN B 153 -15.75 -4.86 14.28
C ASN B 153 -14.42 -4.17 14.58
N ILE B 154 -13.71 -3.79 13.52
CA ILE B 154 -12.45 -3.08 13.62
C ILE B 154 -12.60 -1.74 12.90
N ASP B 155 -12.09 -0.68 13.53
CA ASP B 155 -11.97 0.65 12.93
C ASP B 155 -13.31 1.36 12.83
N LEU B 156 -14.33 0.71 12.28
CA LEU B 156 -15.65 1.32 12.25
C LEU B 156 -16.59 0.59 13.21
N PRO B 157 -17.24 1.31 14.13
CA PRO B 157 -18.04 0.64 15.16
C PRO B 157 -19.35 0.09 14.61
N GLY B 158 -19.83 -0.96 15.28
CA GLY B 158 -21.16 -1.48 15.04
C GLY B 158 -21.88 -1.57 16.37
N LYS B 159 -23.22 -1.43 16.32
CA LYS B 159 -23.99 -1.45 17.56
C LYS B 159 -24.13 -2.85 18.14
N PHE B 160 -24.25 -3.87 17.30
CA PHE B 160 -24.60 -5.21 17.79
C PHE B 160 -23.40 -6.02 18.27
N ALA B 161 -22.23 -5.86 17.66
CA ALA B 161 -21.07 -6.66 18.03
C ALA B 161 -19.98 -5.75 18.61
N SER B 162 -19.02 -6.38 19.27
CA SER B 162 -17.93 -5.63 19.90
C SER B 162 -17.09 -4.93 18.85
N SER B 163 -16.66 -3.71 19.14
CA SER B 163 -15.90 -2.89 18.20
C SER B 163 -14.61 -2.41 18.85
N VAL B 164 -13.50 -2.50 18.14
CA VAL B 164 -12.25 -1.86 18.52
C VAL B 164 -11.98 -0.79 17.48
N ILE B 165 -11.96 0.47 17.91
CA ILE B 165 -11.84 1.59 16.99
C ILE B 165 -10.78 2.55 17.50
N SER B 166 -10.21 3.30 16.56
CA SER B 166 -9.25 4.32 16.91
C SER B 166 -9.97 5.54 17.49
N ASN B 167 -9.23 6.33 18.28
CA ASN B 167 -9.75 7.60 18.80
C ASN B 167 -9.62 8.66 17.71
N ASN B 168 -10.58 8.66 16.79
CA ASN B 168 -10.50 9.55 15.64
C ASN B 168 -10.60 11.01 16.06
N ARG B 169 -11.48 11.33 17.00
CA ARG B 169 -11.67 12.72 17.39
C ARG B 169 -10.40 13.31 18.01
N HIS B 170 -9.83 12.58 18.97
CA HIS B 170 -8.62 13.07 19.64
C HIS B 170 -7.45 13.13 18.68
N GLY B 171 -7.27 12.10 17.85
CA GLY B 171 -6.20 12.12 16.87
C GLY B 171 -6.35 13.28 15.90
N ALA B 172 -7.58 13.55 15.45
CA ALA B 172 -7.82 14.69 14.58
C ALA B 172 -7.52 15.99 15.29
N GLU B 173 -7.77 16.04 16.60
CA GLU B 173 -7.51 17.26 17.36
C GLU B 173 -6.02 17.52 17.45
N ILE B 174 -5.24 16.51 17.83
CA ILE B 174 -3.81 16.72 17.94
C ILE B 174 -3.19 16.93 16.56
N LEU B 175 -3.74 16.30 15.53
CA LEU B 175 -3.23 16.52 14.17
C LEU B 175 -3.43 17.97 13.77
N THR B 176 -4.64 18.51 13.97
CA THR B 176 -4.91 19.89 13.60
C THR B 176 -4.05 20.85 14.43
N ALA B 177 -3.88 20.57 15.72
CA ALA B 177 -3.04 21.43 16.53
C ALA B 177 -1.62 21.47 15.99
N ALA B 178 -1.12 20.32 15.52
CA ALA B 178 0.26 20.25 15.05
C ALA B 178 0.44 21.04 13.76
N ILE B 179 -0.45 20.84 12.79
CA ILE B 179 -0.31 21.58 11.54
C ILE B 179 -0.61 23.04 11.73
N LEU B 180 -1.50 23.39 12.67
CA LEU B 180 -1.74 24.80 12.97
C LEU B 180 -0.47 25.45 13.51
N ALA B 181 0.20 24.77 14.44
CA ALA B 181 1.42 25.30 15.02
C ALA B 181 2.50 25.46 13.95
N HIS B 182 2.64 24.45 13.09
CA HIS B 182 3.63 24.49 12.02
C HIS B 182 3.31 25.59 11.00
N ALA B 183 2.05 25.66 10.56
CA ALA B 183 1.69 26.70 9.59
C ALA B 183 1.85 28.09 10.20
N ALA B 184 1.51 28.24 11.48
CA ALA B 184 1.60 29.56 12.11
C ALA B 184 3.03 30.03 12.18
N LYS B 185 3.98 29.11 12.31
CA LYS B 185 5.39 29.47 12.38
C LYS B 185 5.86 30.15 11.09
N GLY B 186 5.17 29.92 9.99
CA GLY B 186 5.42 30.61 8.73
C GLY B 186 4.74 31.95 8.61
N GLY B 187 3.75 32.21 9.45
CA GLY B 187 3.00 33.44 9.38
C GLY B 187 1.67 33.31 10.09
N SER B 188 1.16 34.42 10.63
CA SER B 188 -0.11 34.41 11.31
C SER B 188 -1.20 33.81 10.42
N LEU B 189 -2.13 33.10 11.05
CA LEU B 189 -3.20 32.40 10.35
C LEU B 189 -4.53 33.07 10.64
N GLY B 190 -5.46 32.86 9.73
CA GLY B 190 -6.85 33.19 9.96
C GLY B 190 -7.66 31.93 9.81
N PRO B 191 -8.88 31.88 10.36
CA PRO B 191 -9.65 30.63 10.30
C PRO B 191 -9.88 30.12 8.89
N ASP B 192 -10.05 31.02 7.92
CA ASP B 192 -10.23 30.61 6.53
C ASP B 192 -8.98 29.95 5.95
N ASP B 193 -7.82 30.15 6.56
CA ASP B 193 -6.60 29.47 6.11
C ASP B 193 -6.59 28.00 6.48
N VAL B 194 -7.44 27.56 7.40
CA VAL B 194 -7.44 26.19 7.88
C VAL B 194 -8.69 25.48 7.35
N ILE B 195 -8.48 24.48 6.50
CA ILE B 195 -9.55 23.80 5.77
C ILE B 195 -9.39 22.29 5.95
N LEU B 196 -10.51 21.57 5.89
CA LEU B 196 -10.50 20.11 5.90
C LEU B 196 -11.06 19.61 4.57
N PHE B 197 -10.35 18.69 3.94
CA PHE B 197 -10.84 18.08 2.68
C PHE B 197 -11.20 16.64 3.03
N GLY B 198 -12.49 16.31 2.94
CA GLY B 198 -12.94 14.98 3.39
C GLY B 198 -14.29 15.07 4.06
N GLY B 199 -14.60 14.12 4.93
CA GLY B 199 -15.88 14.11 5.66
C GLY B 199 -16.82 13.11 5.02
N HIS B 200 -17.47 12.29 5.84
CA HIS B 200 -18.31 11.19 5.28
C HIS B 200 -19.35 10.78 6.30
N ASP B 201 -20.40 10.11 5.85
CA ASP B 201 -21.38 9.57 6.83
C ASP B 201 -20.60 8.72 7.84
N ASP B 202 -19.43 8.21 7.45
CA ASP B 202 -18.56 7.43 8.36
C ASP B 202 -18.39 8.01 9.77
N HIS B 203 -18.48 7.16 10.79
CA HIS B 203 -18.23 7.51 12.19
C HIS B 203 -16.82 8.08 12.37
N ALA B 204 -15.82 7.47 11.73
CA ALA B 204 -14.47 8.01 11.83
C ALA B 204 -14.40 9.41 11.22
N SER B 205 -15.01 9.59 10.04
CA SER B 205 -14.99 10.88 9.38
C SER B 205 -15.67 11.97 10.22
N ARG B 206 -16.84 11.66 10.78
CA ARG B 206 -17.52 12.66 11.61
C ARG B 206 -16.70 13.00 12.85
N GLU B 207 -16.14 11.97 13.50
CA GLU B 207 -15.27 12.21 14.65
C GLU B 207 -14.04 13.03 14.27
N ARG B 208 -13.49 12.77 13.08
CA ARG B 208 -12.32 13.52 12.63
C ARG B 208 -12.67 14.98 12.37
N ILE B 209 -13.82 15.23 11.74
CA ILE B 209 -14.26 16.60 11.55
C ILE B 209 -14.46 17.29 12.89
N ASP B 210 -14.96 16.56 13.89
CA ASP B 210 -15.18 17.16 15.21
C ASP B 210 -13.86 17.52 15.87
N GLY B 211 -12.89 16.59 15.84
CA GLY B 211 -11.58 16.91 16.37
C GLY B 211 -10.95 18.08 15.65
N PHE B 212 -11.13 18.14 14.32
CA PHE B 212 -10.59 19.25 13.54
C PHE B 212 -11.23 20.56 13.97
N HIS B 213 -12.56 20.57 14.09
CA HIS B 213 -13.25 21.79 14.51
C HIS B 213 -12.87 22.19 15.93
N ALA B 214 -12.70 21.19 16.81
CA ALA B 214 -12.34 21.50 18.19
C ALA B 214 -10.98 22.18 18.26
N ALA B 215 -10.00 21.67 17.51
CA ALA B 215 -8.67 22.25 17.52
C ALA B 215 -8.66 23.64 16.90
N LYS B 216 -9.42 23.83 15.82
CA LYS B 216 -9.51 25.16 15.21
C LYS B 216 -10.18 26.14 16.16
N ALA B 217 -11.27 25.72 16.79
CA ALA B 217 -12.00 26.63 17.67
C ALA B 217 -11.14 27.05 18.86
N ASP B 218 -10.40 26.08 19.43
CA ASP B 218 -9.52 26.41 20.55
C ASP B 218 -8.43 27.36 20.13
N TYR B 219 -7.91 27.18 18.91
CA TYR B 219 -6.80 28.01 18.45
C TYR B 219 -7.27 29.42 18.12
N PHE B 220 -8.30 29.53 17.31
CA PHE B 220 -8.78 30.84 16.86
C PHE B 220 -9.68 31.52 17.88
N GLY B 221 -10.32 30.75 18.75
CA GLY B 221 -11.31 31.31 19.64
C GLY B 221 -12.64 31.60 18.97
N VAL B 222 -12.82 31.13 17.74
CA VAL B 222 -14.03 31.35 16.97
C VAL B 222 -14.34 30.07 16.19
N GLU B 223 -15.58 29.96 15.73
CA GLU B 223 -16.10 28.77 15.06
C GLU B 223 -17.22 29.19 14.11
N GLY B 224 -17.77 28.22 13.41
CA GLY B 224 -18.79 28.51 12.44
C GLY B 224 -18.21 28.90 11.10
N GLY B 225 -16.86 28.86 10.97
CA GLY B 225 -16.22 29.00 9.69
C GLY B 225 -16.57 27.85 8.80
N ASP B 226 -16.28 28.05 7.55
CA ASP B 226 -16.97 27.41 6.47
C ASP B 226 -15.87 26.63 5.72
N ASP B 227 -15.27 25.71 6.51
CA ASP B 227 -13.96 25.10 6.34
C ASP B 227 -13.96 23.62 5.99
N ILE B 228 -15.10 23.03 5.73
CA ILE B 228 -15.16 21.60 5.46
C ILE B 228 -15.48 21.44 3.99
N GLU B 229 -14.56 20.85 3.24
CA GLU B 229 -14.83 20.52 1.84
C GLU B 229 -15.30 19.07 1.83
N ILE B 230 -16.58 18.88 1.59
CA ILE B 230 -17.18 17.56 1.71
C ILE B 230 -16.86 16.76 0.45
N THR B 231 -16.17 15.64 0.63
CA THR B 231 -15.83 14.74 -0.44
C THR B 231 -16.06 13.34 0.09
N GLY B 232 -16.37 12.43 -0.80
CA GLY B 232 -16.34 11.04 -0.43
C GLY B 232 -14.89 10.67 -0.21
N TYR B 233 -14.68 9.44 0.23
CA TYR B 233 -13.31 8.95 0.28
C TYR B 233 -12.62 9.03 -1.08
N SER B 234 -13.40 9.04 -2.16
CA SER B 234 -12.86 8.92 -3.51
C SER B 234 -11.78 9.97 -3.80
N PRO B 235 -10.67 9.57 -4.43
CA PRO B 235 -9.66 10.56 -4.82
C PRO B 235 -10.20 11.58 -5.80
N HIS B 236 -11.05 11.14 -6.74
CA HIS B 236 -11.50 12.04 -7.79
C HIS B 236 -12.33 13.19 -7.23
N MET B 237 -13.25 12.88 -6.31
CA MET B 237 -14.02 13.96 -5.71
C MET B 237 -13.14 14.91 -4.90
N THR B 238 -12.15 14.35 -4.18
CA THR B 238 -11.20 15.22 -3.47
C THR B 238 -10.40 16.07 -4.44
N GLU B 239 -9.94 15.47 -5.54
CA GLU B 239 -9.20 16.23 -6.54
C GLU B 239 -10.03 17.41 -7.03
N MET B 240 -11.30 17.17 -7.32
CA MET B 240 -12.19 18.25 -7.74
C MET B 240 -12.33 19.30 -6.66
N ALA B 241 -12.34 18.88 -5.39
CA ALA B 241 -12.43 19.82 -4.29
C ALA B 241 -11.22 20.76 -4.25
N PHE B 242 -10.01 20.19 -4.34
CA PHE B 242 -8.81 21.02 -4.40
C PHE B 242 -8.83 21.93 -5.62
N GLU B 243 -9.31 21.41 -6.75
CA GLU B 243 -9.40 22.20 -7.96
C GLU B 243 -10.31 23.41 -7.78
N ARG B 244 -11.51 23.20 -7.20
CA ARG B 244 -12.42 24.32 -6.99
C ARG B 244 -11.82 25.33 -6.02
N PHE B 245 -11.20 24.83 -4.95
CA PHE B 245 -10.50 25.71 -4.02
C PHE B 245 -9.39 26.48 -4.72
N PHE B 246 -8.60 25.81 -5.56
CA PHE B 246 -7.54 26.49 -6.28
C PHE B 246 -8.09 27.56 -7.22
N GLY B 247 -9.31 27.35 -7.73
CA GLY B 247 -9.91 28.33 -8.63
C GLY B 247 -10.28 29.61 -7.90
N ARG B 248 -10.92 29.47 -6.73
CA ARG B 248 -11.35 30.67 -6.00
C ARG B 248 -10.17 31.38 -5.35
N ARG B 249 -9.33 30.64 -4.62
CA ARG B 249 -8.24 31.25 -3.87
C ARG B 249 -7.04 31.60 -4.73
N GLY B 250 -6.78 30.84 -5.80
CA GLY B 250 -5.57 31.00 -6.56
C GLY B 250 -4.40 30.23 -5.99
N ARG B 251 -4.61 29.55 -4.87
CA ARG B 251 -3.58 28.80 -4.17
C ARG B 251 -4.29 27.75 -3.32
N LEU B 252 -3.51 26.84 -2.79
CA LEU B 252 -4.03 25.91 -1.82
C LEU B 252 -4.05 26.58 -0.45
N PRO B 253 -4.87 26.11 0.48
CA PRO B 253 -4.86 26.69 1.81
C PRO B 253 -3.53 26.44 2.52
N ARG B 254 -3.12 27.42 3.34
CA ARG B 254 -1.85 27.31 4.03
C ARG B 254 -1.82 26.13 4.99
N CYS B 255 -2.97 25.82 5.59
CA CYS B 255 -3.08 24.73 6.55
C CYS B 255 -4.30 23.90 6.20
N PHE B 256 -4.10 22.64 5.82
CA PHE B 256 -5.29 21.84 5.60
C PHE B 256 -5.09 20.40 6.06
N PHE B 257 -6.23 19.80 6.38
CA PHE B 257 -6.38 18.47 6.93
C PHE B 257 -7.01 17.61 5.85
N VAL B 258 -6.39 16.48 5.53
CA VAL B 258 -6.95 15.51 4.58
C VAL B 258 -7.45 14.32 5.38
N ASN B 259 -8.72 13.98 5.15
CA ASN B 259 -9.40 12.99 6.00
C ASN B 259 -8.73 11.63 5.90
N SER B 260 -8.31 11.23 4.71
CA SER B 260 -7.86 9.86 4.53
C SER B 260 -6.64 9.82 3.62
N SER B 261 -5.88 8.72 3.71
CA SER B 261 -4.80 8.52 2.76
C SER B 261 -5.34 8.32 1.36
N ILE B 262 -6.54 7.74 1.23
CA ILE B 262 -7.16 7.62 -0.08
C ILE B 262 -7.58 9.01 -0.60
N ASN B 263 -8.06 9.90 0.28
CA ASN B 263 -8.29 11.28 -0.12
C ASN B 263 -7.01 11.96 -0.56
N PHE B 264 -5.91 11.66 0.13
CA PHE B 264 -4.63 12.30 -0.17
C PHE B 264 -4.22 12.13 -1.62
N GLU B 265 -4.55 10.98 -2.23
CA GLU B 265 -4.24 10.78 -3.64
C GLU B 265 -4.89 11.85 -4.50
N GLY B 266 -6.08 12.30 -4.11
CA GLY B 266 -6.72 13.38 -4.83
C GLY B 266 -5.88 14.65 -4.83
N LEU B 267 -5.20 14.93 -3.72
CA LEU B 267 -4.31 16.08 -3.71
C LEU B 267 -3.16 15.90 -4.70
N LEU B 268 -2.60 14.69 -4.77
CA LEU B 268 -1.53 14.44 -5.74
C LEU B 268 -2.06 14.52 -7.16
N ARG B 269 -3.26 13.99 -7.40
CA ARG B 269 -3.85 14.11 -8.73
C ARG B 269 -4.00 15.57 -9.12
N PHE B 270 -4.41 16.41 -8.17
CA PHE B 270 -4.55 17.83 -8.45
C PHE B 270 -3.20 18.45 -8.80
N MET B 271 -2.17 18.16 -8.01
CA MET B 271 -0.85 18.69 -8.27
C MET B 271 -0.32 18.23 -9.61
N GLY B 272 -0.54 16.95 -9.95
CA GLY B 272 -0.10 16.44 -11.23
C GLY B 272 -0.76 17.15 -12.40
N ARG B 273 -2.03 17.54 -12.23
CA ARG B 273 -2.75 18.24 -13.27
C ARG B 273 -2.23 19.66 -13.49
N HIS B 274 -1.64 20.27 -12.46
CA HIS B 274 -1.19 21.66 -12.56
C HIS B 274 0.33 21.79 -12.49
N ASP B 275 1.06 21.11 -13.37
CA ASP B 275 2.50 21.25 -13.39
C ASP B 275 2.91 22.67 -13.77
N GLY B 276 3.95 23.17 -13.11
CA GLY B 276 4.44 24.50 -13.36
C GLY B 276 3.64 25.60 -12.71
N GLU B 277 2.62 25.25 -11.93
CA GLU B 277 1.79 26.22 -11.23
C GLU B 277 2.12 26.19 -9.75
N ALA B 278 2.25 27.38 -9.17
CA ALA B 278 2.59 27.52 -7.76
C ALA B 278 1.32 27.33 -6.92
N PHE B 279 1.36 26.35 -6.01
CA PHE B 279 0.24 26.10 -5.11
C PHE B 279 0.31 26.94 -3.84
N GLY B 280 1.45 27.56 -3.56
CA GLY B 280 1.67 28.28 -2.33
C GLY B 280 2.29 27.39 -1.27
N ASP B 281 2.76 28.02 -0.20
CA ASP B 281 3.37 27.28 0.91
C ASP B 281 2.27 26.65 1.76
N ILE B 282 2.34 25.34 1.92
CA ILE B 282 1.27 24.59 2.59
C ILE B 282 1.84 23.72 3.69
N VAL B 283 1.03 23.48 4.72
CA VAL B 283 1.26 22.44 5.72
C VAL B 283 0.06 21.53 5.69
N VAL B 284 0.30 20.22 5.64
CA VAL B 284 -0.76 19.24 5.43
C VAL B 284 -0.77 18.24 6.56
N GLY B 285 -1.97 17.95 7.05
CA GLY B 285 -2.16 16.88 8.00
C GLY B 285 -3.06 15.81 7.40
N CYS B 286 -2.63 14.57 7.48
CA CYS B 286 -3.40 13.46 6.94
C CYS B 286 -3.66 12.43 8.04
N PHE B 287 -4.91 11.99 8.17
CA PHE B 287 -5.21 10.83 8.99
C PHE B 287 -4.82 9.59 8.21
N ASP B 288 -4.24 8.60 8.91
CA ASP B 288 -3.55 7.43 8.38
C ASP B 288 -2.09 7.77 8.14
N TYR B 289 -1.24 6.75 8.14
CA TYR B 289 0.20 6.95 8.01
C TYR B 289 0.71 6.14 6.82
N ASP B 290 1.66 6.72 6.09
CA ASP B 290 2.39 6.05 5.03
C ASP B 290 3.79 6.64 4.97
N PRO B 291 4.84 5.82 4.94
CA PRO B 291 6.21 6.39 4.92
C PRO B 291 6.48 7.27 3.70
N PHE B 292 6.00 6.90 2.52
CA PHE B 292 6.22 7.75 1.34
C PHE B 292 5.50 9.08 1.50
N ALA B 293 4.24 9.04 1.95
CA ALA B 293 3.51 10.29 2.11
C ALA B 293 4.18 11.18 3.15
N SER B 294 4.82 10.57 4.15
CA SER B 294 5.50 11.36 5.18
C SER B 294 6.60 12.20 4.59
N PHE B 295 7.28 11.67 3.57
CA PHE B 295 8.45 12.29 2.98
C PHE B 295 8.11 13.16 1.79
N LEU B 296 6.84 13.50 1.61
CA LEU B 296 6.46 14.40 0.53
C LEU B 296 7.15 15.75 0.73
N PRO B 297 7.40 16.50 -0.36
CA PRO B 297 8.21 17.73 -0.22
C PRO B 297 7.57 18.79 0.65
N PHE B 298 6.23 18.85 0.71
CA PHE B 298 5.64 19.76 1.68
C PHE B 298 5.48 19.02 3.00
N PRO B 299 5.53 19.71 4.14
CA PRO B 299 5.43 19.01 5.42
C PRO B 299 4.09 18.31 5.57
N VAL B 300 4.14 17.02 5.87
CA VAL B 300 2.95 16.20 6.04
C VAL B 300 3.00 15.60 7.44
N TYR B 301 1.98 15.90 8.24
CA TYR B 301 1.82 15.30 9.56
C TYR B 301 0.79 14.19 9.42
N MET B 302 1.07 13.04 10.00
CA MET B 302 0.23 11.88 9.82
C MET B 302 -0.18 11.34 11.17
N ILE B 303 -1.39 10.81 11.24
CA ILE B 303 -1.87 10.12 12.43
C ILE B 303 -1.76 8.63 12.16
N LYS B 304 -1.04 7.92 13.03
CA LYS B 304 -0.91 6.48 12.87
C LYS B 304 -1.76 5.77 13.92
N PRO B 305 -2.80 5.04 13.52
CA PRO B 305 -3.56 4.26 14.49
C PRO B 305 -2.74 3.08 14.98
N ASP B 306 -2.94 2.73 16.25
CA ASP B 306 -2.24 1.59 16.83
C ASP B 306 -2.94 0.33 16.35
N ILE B 307 -2.63 -0.06 15.11
CA ILE B 307 -3.29 -1.21 14.50
C ILE B 307 -2.98 -2.49 15.26
N ALA B 308 -1.74 -2.62 15.75
CA ALA B 308 -1.36 -3.84 16.44
C ALA B 308 -2.20 -4.04 17.70
N GLN B 309 -2.37 -2.98 18.49
CA GLN B 309 -3.22 -3.07 19.68
C GLN B 309 -4.67 -3.31 19.31
N MET B 310 -5.15 -2.65 18.24
CA MET B 310 -6.54 -2.85 17.84
C MET B 310 -6.83 -4.30 17.52
N LEU B 311 -5.93 -4.95 16.77
CA LEU B 311 -6.14 -6.35 16.42
C LEU B 311 -5.96 -7.25 17.64
N GLU B 312 -5.01 -6.93 18.52
CA GLU B 312 -4.85 -7.72 19.74
C GLU B 312 -6.11 -7.70 20.58
N LYS B 313 -6.71 -6.51 20.74
CA LYS B 313 -8.00 -6.38 21.41
C LYS B 313 -9.12 -7.00 20.59
N GLY B 314 -8.99 -7.00 19.25
CA GLY B 314 -9.98 -7.65 18.42
C GLY B 314 -10.00 -9.15 18.62
N PHE B 315 -8.83 -9.78 18.60
CA PHE B 315 -8.70 -11.12 19.13
C PHE B 315 -9.09 -11.07 20.62
N GLU B 316 -9.29 -12.23 21.22
CA GLU B 316 -9.75 -12.34 22.61
C GLU B 316 -11.17 -11.80 22.75
N LEU B 317 -11.47 -10.63 22.17
CA LEU B 317 -12.88 -10.26 22.01
C LEU B 317 -13.59 -11.31 21.16
N LEU B 318 -12.85 -11.94 20.24
CA LEU B 318 -13.38 -13.07 19.49
C LEU B 318 -13.54 -14.28 20.40
N GLU B 319 -12.58 -14.48 21.32
CA GLU B 319 -12.65 -15.59 22.26
C GLU B 319 -13.86 -15.50 23.18
N GLU B 320 -14.22 -14.29 23.59
CA GLU B 320 -15.22 -14.13 24.64
C GLU B 320 -16.62 -14.33 24.05
N ASN B 321 -17.50 -14.96 24.82
CA ASN B 321 -18.85 -15.24 24.37
C ASN B 321 -19.86 -14.22 24.89
N ARG B 322 -19.38 -13.11 25.42
CA ARG B 322 -20.26 -12.07 25.96
C ARG B 322 -21.15 -11.46 24.88
N THR B 323 -22.45 -11.44 25.16
CA THR B 323 -23.41 -10.87 24.22
C THR B 323 -23.27 -9.36 24.11
N GLU B 324 -22.95 -8.70 25.22
CA GLU B 324 -22.94 -7.24 25.25
C GLU B 324 -21.89 -6.65 24.30
N PRO B 325 -22.27 -5.69 23.47
CA PRO B 325 -21.28 -5.00 22.63
C PRO B 325 -20.46 -4.04 23.46
N GLU B 326 -19.15 -4.07 23.27
CA GLU B 326 -18.24 -3.16 23.95
C GLU B 326 -17.38 -2.46 22.91
N VAL B 327 -17.32 -1.13 22.98
CA VAL B 327 -16.46 -0.34 22.11
C VAL B 327 -15.18 0.01 22.87
N THR B 328 -14.05 -0.40 22.33
CA THR B 328 -12.75 -0.14 22.89
C THR B 328 -12.06 0.89 22.01
N ILE B 329 -11.60 1.98 22.61
CA ILE B 329 -11.05 3.11 21.88
C ILE B 329 -9.54 3.09 22.05
N ILE B 330 -8.82 3.08 20.94
CA ILE B 330 -7.35 2.97 20.94
C ILE B 330 -6.78 4.32 20.49
N GLU B 331 -5.81 4.82 21.23
CA GLU B 331 -5.25 6.13 20.93
C GLU B 331 -4.32 6.04 19.72
N PRO B 332 -4.49 6.89 18.72
CA PRO B 332 -3.53 6.96 17.62
C PRO B 332 -2.33 7.82 18.00
N GLN B 333 -1.28 7.71 17.19
CA GLN B 333 -0.04 8.44 17.43
C GLN B 333 0.21 9.45 16.32
N LEU B 334 0.57 10.68 16.70
CA LEU B 334 0.94 11.70 15.74
C LEU B 334 2.36 11.45 15.21
N ILE B 335 2.51 11.53 13.89
CA ILE B 335 3.79 11.28 13.23
C ILE B 335 4.26 12.59 12.58
N PRO B 336 5.43 13.10 12.93
CA PRO B 336 5.95 14.33 12.31
C PRO B 336 6.44 14.07 10.89
N PRO B 337 6.67 15.12 10.11
CA PRO B 337 7.12 14.93 8.72
C PRO B 337 8.42 14.17 8.62
N ARG B 338 8.58 13.46 7.50
CA ARG B 338 9.81 12.73 7.17
C ARG B 338 10.15 11.68 8.24
N THR B 339 9.17 10.85 8.56
CA THR B 339 9.39 9.77 9.53
C THR B 339 9.15 8.45 8.83
N ALA B 340 10.12 7.55 8.88
CA ALA B 340 9.93 6.19 8.32
C ALA B 340 9.86 5.24 9.51
N LEU B 341 8.80 4.44 9.60
CA LEU B 341 8.65 3.51 10.69
C LEU B 341 9.24 2.14 10.35
N GLU B 342 9.16 1.21 11.30
CA GLU B 342 9.69 -0.13 11.10
C GLU B 342 8.71 -1.00 10.33
N GLY B 343 7.42 -0.68 10.45
CA GLY B 343 6.38 -1.43 9.77
C GLY B 343 6.04 -2.72 10.48
N PRO B 344 5.16 -3.52 9.88
CA PRO B 344 4.74 -4.79 10.47
C PRO B 344 5.50 -5.97 9.86
N LEU B 345 6.29 -5.70 8.83
CA LEU B 345 7.07 -6.73 8.16
C LEU B 345 8.47 -6.84 8.74
N ASP B 346 8.78 -7.99 9.34
CA ASP B 346 10.07 -8.18 10.00
C ASP B 346 10.75 -9.46 9.54
N ASP B 347 11.87 -9.32 8.84
CA ASP B 347 12.64 -10.45 8.38
C ASP B 347 12.03 -11.10 7.14
N ILE B 348 10.78 -10.79 6.85
CA ILE B 348 10.13 -11.38 5.70
C ILE B 348 10.94 -11.24 4.42
N TRP B 349 11.60 -10.12 4.25
CA TRP B 349 12.29 -9.85 3.00
C TRP B 349 13.77 -10.20 3.03
N ASP B 350 14.24 -10.88 4.07
CA ASP B 350 15.60 -11.39 4.06
C ASP B 350 15.71 -12.55 3.08
N PRO B 351 16.83 -12.66 2.35
CA PRO B 351 16.92 -13.63 1.26
C PRO B 351 16.62 -15.06 1.71
N VAL B 352 15.86 -15.79 0.87
CA VAL B 352 15.62 -17.20 1.12
C VAL B 352 16.78 -18.05 0.57
N ALA B 353 17.24 -17.73 -0.64
CA ALA B 353 18.33 -18.44 -1.31
C ALA B 353 17.94 -19.88 -1.68
N LEU B 354 16.72 -20.09 -2.18
CA LEU B 354 16.45 -21.29 -2.97
C LEU B 354 15.92 -20.86 -4.34
#